data_3C8G
#
_entry.id   3C8G
#
_cell.length_a   71.365
_cell.length_b   70.946
_cell.length_c   159.037
_cell.angle_alpha   90.00
_cell.angle_beta   90.43
_cell.angle_gamma   90.00
#
_symmetry.space_group_name_H-M   'C 1 2 1'
#
loop_
_entity.id
_entity.type
_entity.pdbx_description
1 polymer 'Putative transcriptional regulator'
2 polymer 'Putative transcriptional regulator'
3 polymer 'Putative transcriptional regulator'
4 non-polymer 'ACETATE ION'
5 water water
#
loop_
_entity_poly.entity_id
_entity_poly.type
_entity_poly.pdbx_seq_one_letter_code
_entity_poly.pdbx_strand_id
1 'polypeptide(L)'
;SNA(MSE)ATLTEDDVLEQLDAQDNLFSF(MSE)(MLY)TAHSILLQGIRQFLPSLFVDNDEEIVEYAV(MLY)PLLAQS
GPLDDIDVALRLIYALG(MLY)(MSE)D(MLY)WLYADITHFSQYWHYLNEQDETPGFADDITWDFISNVNSITRNATLY
DAL(MLY)A(MSE)(MLY)FADFAVWSEARFSG(MSE)VKTALTLAVTTTLKELTP
;
A,C
2 'polypeptide(L)'
;SNA(MSE)ATLTEDDVLEQLDAQDNLFSF(MSE)(MLY)TAHSILLQGIRQFLPSLFVDNDEEIVEYAV(MLY)PLLAQS
GPLDDIDVALRLIYALGK(MSE)DKWLYADITHFSQYWHYLNEQDETPGFADDITWDFISNVNSITRNATLYDAL(MLY)
A(MSE)(MLY)FADFAVWSEARFSG(MSE)V(MLY)TALTLAVTTTL(MLY)ELTP
;
B
3 'polypeptide(L)'
;SNA(MSE)ATLTEDDVLEQLDAQDNLFSF(MSE)(MLY)TAHSILLQGIRQFLPSLFVDNDEEIVEYAV(MLY)PLLAQS
GPLDDIDVALRLIYALG(MLY)(MSE)DKWLYADITHFSQYWHYLNEQDETPGFADDITWDFISNVNSITRNATLYDALK
A(MSE)(MLY)FADFAVWSEARFSG(MSE)VKTALTLAVTTTLKELTP
;
D
#
# COMPACT_ATOMS: atom_id res chain seq x y z
N ALA A 3 -63.79 -16.00 -17.29
CA ALA A 3 -64.12 -14.89 -16.34
C ALA A 3 -63.30 -14.93 -15.05
N ALA A 5 -61.46 -13.16 -11.27
CA ALA A 5 -61.90 -12.75 -9.92
C ALA A 5 -62.22 -11.24 -9.86
N THR A 6 -61.42 -10.47 -9.12
CA THR A 6 -61.57 -9.02 -9.04
C THR A 6 -60.17 -8.37 -9.04
N LEU A 7 -60.06 -7.17 -9.60
CA LEU A 7 -58.75 -6.66 -9.95
C LEU A 7 -58.16 -5.71 -8.91
N THR A 8 -57.01 -6.07 -8.35
CA THR A 8 -56.21 -5.11 -7.57
C THR A 8 -55.14 -4.60 -8.48
N GLU A 9 -54.48 -3.51 -8.12
CA GLU A 9 -53.39 -3.01 -8.92
C GLU A 9 -52.23 -4.00 -8.83
N ASP A 10 -52.02 -4.55 -7.64
CA ASP A 10 -50.80 -5.29 -7.36
C ASP A 10 -50.80 -6.77 -7.73
N ASP A 11 -51.96 -7.42 -7.76
CA ASP A 11 -51.95 -8.75 -8.36
C ASP A 11 -52.06 -8.70 -9.90
N VAL A 12 -52.40 -7.53 -10.43
CA VAL A 12 -52.34 -7.29 -11.87
C VAL A 12 -50.87 -7.09 -12.22
N LEU A 13 -50.19 -6.49 -11.26
CA LEU A 13 -48.81 -6.11 -11.41
C LEU A 13 -47.90 -7.33 -11.28
N GLU A 14 -48.39 -8.33 -10.55
CA GLU A 14 -47.71 -9.59 -10.33
C GLU A 14 -47.84 -10.45 -11.56
N GLN A 15 -49.07 -10.58 -12.00
CA GLN A 15 -49.40 -11.25 -13.23
C GLN A 15 -48.59 -10.74 -14.41
N LEU A 16 -48.43 -9.43 -14.55
CA LEU A 16 -47.75 -8.92 -15.73
C LEU A 16 -46.25 -9.03 -15.64
N ASP A 17 -45.71 -8.96 -14.42
CA ASP A 17 -44.29 -9.05 -14.25
C ASP A 17 -43.85 -10.49 -14.48
N ALA A 18 -44.68 -11.43 -14.05
CA ALA A 18 -44.43 -12.84 -14.35
C ALA A 18 -44.19 -13.13 -15.85
N GLN A 19 -44.74 -12.31 -16.73
CA GLN A 19 -44.67 -12.56 -18.16
C GLN A 19 -43.32 -12.15 -18.79
N ASP A 20 -42.61 -13.13 -19.33
CA ASP A 20 -41.21 -12.91 -19.73
C ASP A 20 -40.97 -12.69 -21.22
N ASN A 21 -42.04 -12.70 -22.01
CA ASN A 21 -42.01 -12.36 -23.44
C ASN A 21 -43.22 -11.52 -23.80
N LEU A 22 -43.12 -10.75 -24.87
CA LEU A 22 -44.22 -9.91 -25.32
C LEU A 22 -45.51 -10.69 -25.53
N PHE A 23 -45.40 -11.90 -26.06
CA PHE A 23 -46.60 -12.65 -26.43
C PHE A 23 -47.38 -12.98 -25.18
N SER A 24 -46.68 -13.53 -24.18
CA SER A 24 -47.34 -13.96 -22.95
C SER A 24 -47.88 -12.72 -22.27
N PHE A 25 -47.10 -11.64 -22.28
CA PHE A 25 -47.51 -10.39 -21.69
C PHE A 25 -48.79 -9.93 -22.35
N THR A 28 -51.71 -12.07 -21.45
CA THR A 28 -52.13 -11.74 -20.12
C THR A 28 -52.77 -10.35 -20.06
N ALA A 29 -52.21 -9.38 -20.77
CA ALA A 29 -52.80 -8.06 -20.75
C ALA A 29 -54.22 -8.15 -21.29
N HIS A 30 -54.42 -8.85 -22.40
CA HIS A 30 -55.76 -8.85 -23.07
C HIS A 30 -56.82 -9.36 -22.11
N SER A 31 -56.52 -10.50 -21.50
CA SER A 31 -57.32 -11.01 -20.41
C SER A 31 -57.51 -10.05 -19.21
N ILE A 32 -56.50 -9.29 -18.82
CA ILE A 32 -56.71 -8.41 -17.71
C ILE A 32 -57.66 -7.29 -18.15
N LEU A 33 -57.45 -6.75 -19.33
CA LEU A 33 -58.29 -5.67 -19.81
C LEU A 33 -59.73 -6.12 -19.98
N LEU A 34 -59.89 -7.31 -20.56
CA LEU A 34 -61.19 -7.88 -20.77
C LEU A 34 -61.92 -7.81 -19.46
N GLN A 35 -61.28 -8.35 -18.43
CA GLN A 35 -61.97 -8.49 -17.18
C GLN A 35 -62.20 -7.13 -16.60
N GLY A 36 -61.29 -6.22 -16.87
CA GLY A 36 -61.46 -4.84 -16.39
C GLY A 36 -62.72 -4.23 -16.96
N ILE A 37 -62.93 -4.45 -18.25
CA ILE A 37 -64.03 -3.90 -18.98
C ILE A 37 -65.34 -4.57 -18.55
N ARG A 38 -65.32 -5.88 -18.35
CA ARG A 38 -66.51 -6.58 -17.92
C ARG A 38 -66.97 -6.16 -16.52
N GLN A 39 -66.03 -5.79 -15.66
CA GLN A 39 -66.37 -5.29 -14.33
C GLN A 39 -66.98 -3.89 -14.34
N PHE A 40 -66.74 -3.14 -15.41
CA PHE A 40 -67.26 -1.79 -15.59
C PHE A 40 -68.67 -1.83 -16.16
N LEU A 41 -69.00 -2.91 -16.86
CA LEU A 41 -70.26 -3.01 -17.59
C LEU A 41 -71.50 -2.77 -16.76
N PRO A 42 -71.58 -3.35 -15.55
CA PRO A 42 -72.79 -3.01 -14.74
C PRO A 42 -73.03 -1.49 -14.47
N SER A 43 -72.03 -0.62 -14.53
CA SER A 43 -72.31 0.80 -14.31
C SER A 43 -73.02 1.46 -15.49
N LEU A 44 -73.02 0.80 -16.63
CA LEU A 44 -73.86 1.23 -17.74
C LEU A 44 -75.38 1.14 -17.51
N PHE A 45 -75.79 0.33 -16.57
CA PHE A 45 -77.18 -0.11 -16.54
C PHE A 45 -77.90 0.28 -15.25
N VAL A 46 -79.23 0.08 -15.25
CA VAL A 46 -80.01 0.12 -14.05
C VAL A 46 -79.45 -0.75 -12.93
N ASP A 47 -79.64 -0.24 -11.73
CA ASP A 47 -78.91 -0.56 -10.57
C ASP A 47 -79.86 -1.02 -9.49
N ASN A 48 -80.97 -0.31 -9.39
CA ASN A 48 -81.78 -0.32 -8.20
C ASN A 48 -83.15 -1.03 -8.34
N ASP A 49 -83.38 -1.68 -9.48
CA ASP A 49 -84.64 -2.42 -9.79
C ASP A 49 -84.31 -3.89 -10.08
N GLU A 50 -84.92 -4.84 -9.34
CA GLU A 50 -84.45 -6.25 -9.43
C GLU A 50 -85.04 -7.07 -10.57
N GLU A 51 -86.02 -6.51 -11.26
CA GLU A 51 -86.53 -7.18 -12.42
C GLU A 51 -85.46 -6.97 -13.47
N ILE A 52 -85.06 -5.71 -13.65
CA ILE A 52 -84.14 -5.37 -14.68
C ILE A 52 -82.81 -6.14 -14.51
N VAL A 53 -82.30 -6.17 -13.28
CA VAL A 53 -81.02 -6.81 -12.99
C VAL A 53 -81.06 -8.30 -13.33
N GLU A 54 -82.08 -8.98 -12.83
CA GLU A 54 -82.11 -10.43 -12.86
C GLU A 54 -82.44 -11.01 -14.25
N TYR A 55 -83.32 -10.33 -14.98
CA TYR A 55 -83.77 -10.80 -16.29
C TYR A 55 -83.20 -10.05 -17.51
N ALA A 56 -82.66 -8.84 -17.33
CA ALA A 56 -82.01 -8.14 -18.45
C ALA A 56 -80.51 -8.06 -18.27
N VAL A 57 -80.05 -7.47 -17.17
CA VAL A 57 -78.61 -7.24 -16.98
C VAL A 57 -77.81 -8.54 -16.94
N PRO A 59 -78.36 -11.74 -18.07
CA PRO A 59 -78.09 -12.43 -19.34
C PRO A 59 -77.23 -11.61 -20.28
N LEU A 60 -77.29 -10.31 -20.13
CA LEU A 60 -76.53 -9.43 -20.98
C LEU A 60 -75.02 -9.57 -20.63
N LEU A 61 -74.71 -9.89 -19.38
CA LEU A 61 -73.33 -9.99 -18.91
C LEU A 61 -72.85 -11.39 -18.56
N ALA A 62 -73.64 -12.42 -18.89
CA ALA A 62 -73.28 -13.81 -18.59
C ALA A 62 -72.05 -14.14 -19.38
N GLN A 63 -71.35 -15.19 -18.98
CA GLN A 63 -70.13 -15.53 -19.71
C GLN A 63 -70.51 -16.23 -21.01
N SER A 64 -69.76 -15.91 -22.07
CA SER A 64 -70.06 -16.35 -23.45
C SER A 64 -71.33 -15.69 -23.99
N GLY A 65 -71.88 -14.72 -23.25
CA GLY A 65 -73.00 -13.93 -23.72
C GLY A 65 -72.58 -12.82 -24.69
N PRO A 66 -73.55 -11.99 -25.10
CA PRO A 66 -73.29 -10.95 -26.11
C PRO A 66 -72.34 -9.85 -25.68
N LEU A 67 -71.98 -9.76 -24.42
CA LEU A 67 -71.00 -8.73 -24.11
C LEU A 67 -69.65 -9.28 -23.72
N ASP A 68 -69.48 -10.59 -23.84
CA ASP A 68 -68.25 -11.22 -23.37
C ASP A 68 -67.20 -11.15 -24.45
N ASP A 69 -67.06 -9.99 -25.08
CA ASP A 69 -66.05 -9.81 -26.08
C ASP A 69 -65.55 -8.40 -25.98
N ILE A 70 -64.25 -8.23 -25.85
CA ILE A 70 -63.70 -6.92 -25.58
C ILE A 70 -64.13 -5.89 -26.63
N ASP A 71 -64.33 -6.35 -27.85
CA ASP A 71 -64.60 -5.43 -28.93
C ASP A 71 -66.08 -5.01 -29.00
N VAL A 72 -67.03 -5.93 -28.86
CA VAL A 72 -68.41 -5.46 -28.64
C VAL A 72 -68.58 -4.67 -27.31
N ALA A 73 -67.92 -5.05 -26.22
CA ALA A 73 -68.13 -4.32 -24.96
C ALA A 73 -67.60 -2.86 -25.02
N LEU A 74 -66.45 -2.69 -25.64
CA LEU A 74 -65.85 -1.38 -25.81
C LEU A 74 -66.71 -0.49 -26.63
N ARG A 75 -67.11 -1.00 -27.77
CA ARG A 75 -68.01 -0.28 -28.66
C ARG A 75 -69.29 0.21 -27.95
N LEU A 76 -69.88 -0.63 -27.08
CA LEU A 76 -71.04 -0.25 -26.31
C LEU A 76 -70.69 0.93 -25.38
N ILE A 77 -69.61 0.82 -24.60
CA ILE A 77 -69.28 1.88 -23.63
C ILE A 77 -69.06 3.19 -24.38
N TYR A 78 -68.33 3.08 -25.49
CA TYR A 78 -68.05 4.23 -26.30
C TYR A 78 -69.35 4.81 -26.88
N ALA A 79 -70.19 3.94 -27.41
CA ALA A 79 -71.46 4.37 -28.03
C ALA A 79 -72.46 4.99 -27.03
N LEU A 80 -72.28 4.70 -25.75
CA LEU A 80 -73.18 5.27 -24.75
C LEU A 80 -72.64 6.61 -24.23
N GLY A 81 -71.50 7.02 -24.77
CA GLY A 81 -70.82 8.26 -24.33
C GLY A 81 -70.15 8.12 -22.98
N ASP A 84 -63.90 8.37 -23.01
CA ASP A 84 -63.15 9.34 -23.78
C ASP A 84 -62.41 8.67 -24.97
N TRP A 86 -59.53 8.95 -26.18
CA TRP A 86 -58.14 8.54 -25.95
C TRP A 86 -58.06 7.15 -25.34
N LEU A 87 -58.97 6.90 -24.39
CA LEU A 87 -59.03 5.63 -23.72
C LEU A 87 -59.52 4.56 -24.68
N TYR A 88 -60.54 4.90 -25.48
CA TYR A 88 -61.03 3.94 -26.44
C TYR A 88 -59.90 3.54 -27.42
N ALA A 89 -59.15 4.53 -27.91
CA ALA A 89 -58.04 4.25 -28.82
C ALA A 89 -56.98 3.35 -28.16
N ASP A 90 -56.63 3.62 -26.91
CA ASP A 90 -55.65 2.73 -26.28
C ASP A 90 -56.08 1.26 -26.21
N ILE A 91 -57.31 1.00 -25.74
CA ILE A 91 -57.70 -0.38 -25.52
C ILE A 91 -57.79 -1.12 -26.87
N THR A 92 -58.24 -0.41 -27.92
CA THR A 92 -58.40 -1.16 -29.18
C THR A 92 -57.08 -1.42 -29.89
N HIS A 93 -56.10 -0.53 -29.72
CA HIS A 93 -54.71 -0.93 -30.05
C HIS A 93 -54.24 -2.20 -29.32
N PHE A 94 -54.43 -2.27 -28.01
CA PHE A 94 -54.02 -3.47 -27.28
C PHE A 94 -54.74 -4.64 -27.90
N SER A 95 -56.04 -4.51 -28.05
CA SER A 95 -56.82 -5.57 -28.65
C SER A 95 -56.33 -5.89 -30.06
N GLN A 96 -56.03 -4.85 -30.87
CA GLN A 96 -55.51 -5.05 -32.25
C GLN A 96 -54.16 -5.76 -32.27
N TYR A 97 -53.30 -5.47 -31.29
CA TYR A 97 -51.95 -6.05 -31.28
C TYR A 97 -52.02 -7.50 -30.80
N TRP A 98 -52.80 -7.73 -29.74
CA TRP A 98 -53.14 -9.08 -29.36
C TRP A 98 -53.68 -9.91 -30.53
N HIS A 99 -54.69 -9.42 -31.25
CA HIS A 99 -55.22 -10.16 -32.43
C HIS A 99 -54.07 -10.39 -33.40
N TYR A 100 -53.26 -9.34 -33.60
CA TYR A 100 -52.13 -9.46 -34.50
C TYR A 100 -51.19 -10.57 -34.03
N LEU A 101 -50.83 -10.58 -32.74
CA LEU A 101 -49.86 -11.56 -32.23
C LEU A 101 -50.42 -12.98 -32.21
N ASN A 102 -51.73 -13.09 -31.98
CA ASN A 102 -52.35 -14.42 -31.80
C ASN A 102 -52.87 -15.06 -33.08
N GLU A 103 -53.12 -14.23 -34.10
CA GLU A 103 -53.65 -14.68 -35.39
C GLU A 103 -52.62 -14.61 -36.53
N GLN A 104 -51.76 -13.59 -36.57
CA GLN A 104 -50.74 -13.51 -37.63
C GLN A 104 -49.34 -13.84 -37.21
N ASP A 105 -48.89 -13.28 -36.09
CA ASP A 105 -47.49 -13.50 -35.70
C ASP A 105 -47.20 -13.22 -34.23
N GLU A 106 -46.56 -14.19 -33.58
CA GLU A 106 -46.25 -14.14 -32.15
C GLU A 106 -44.76 -14.04 -31.83
N THR A 107 -43.96 -13.74 -32.84
CA THR A 107 -42.50 -13.62 -32.69
C THR A 107 -41.97 -12.31 -32.13
N PRO A 108 -42.63 -11.16 -32.44
CA PRO A 108 -42.13 -9.84 -31.99
C PRO A 108 -41.90 -9.76 -30.49
N GLY A 109 -40.72 -9.34 -30.06
CA GLY A 109 -40.46 -9.15 -28.62
C GLY A 109 -40.63 -7.72 -28.13
N PHE A 110 -40.29 -7.46 -26.87
CA PHE A 110 -40.45 -6.11 -26.31
C PHE A 110 -39.71 -5.04 -27.06
N ALA A 111 -38.56 -5.41 -27.61
CA ALA A 111 -37.59 -4.49 -28.16
C ALA A 111 -37.66 -4.34 -29.69
N ASP A 112 -38.70 -4.86 -30.32
CA ASP A 112 -38.80 -4.80 -31.79
C ASP A 112 -39.37 -3.50 -32.38
N ASP A 113 -39.04 -3.27 -33.66
CA ASP A 113 -39.60 -2.19 -34.44
C ASP A 113 -41.10 -2.15 -34.32
N ILE A 114 -41.72 -3.31 -34.53
CA ILE A 114 -43.19 -3.34 -34.62
C ILE A 114 -43.79 -2.96 -33.27
N THR A 115 -43.08 -3.25 -32.17
CA THR A 115 -43.71 -2.98 -30.90
C THR A 115 -43.39 -1.57 -30.40
N TRP A 116 -42.27 -1.04 -30.85
CA TRP A 116 -41.97 0.35 -30.62
C TRP A 116 -43.01 1.27 -31.31
N ASP A 117 -43.49 0.83 -32.46
CA ASP A 117 -44.51 1.56 -33.18
C ASP A 117 -45.84 1.45 -32.43
N PHE A 118 -46.14 0.25 -31.97
CA PHE A 118 -47.28 0.08 -31.09
C PHE A 118 -47.23 1.07 -29.89
N ILE A 119 -46.12 1.11 -29.15
CA ILE A 119 -46.18 1.94 -27.96
C ILE A 119 -46.14 3.44 -28.28
N SER A 120 -45.60 3.78 -29.45
CA SER A 120 -45.66 5.15 -29.94
C SER A 120 -47.08 5.64 -30.15
N ASN A 121 -48.06 4.72 -30.18
CA ASN A 121 -49.43 5.12 -30.39
C ASN A 121 -50.34 4.82 -29.22
N VAL A 122 -49.76 4.40 -28.09
CA VAL A 122 -50.53 4.21 -26.88
C VAL A 122 -50.54 5.52 -26.12
N ASN A 123 -51.70 6.17 -26.05
CA ASN A 123 -51.79 7.50 -25.43
C ASN A 123 -51.36 7.57 -23.98
N SER A 124 -51.54 6.49 -23.24
CA SER A 124 -51.19 6.57 -21.84
C SER A 124 -49.66 6.46 -21.65
N ILE A 125 -48.98 5.94 -22.65
CA ILE A 125 -47.55 5.90 -22.59
C ILE A 125 -47.05 7.25 -23.10
N THR A 126 -47.44 7.61 -24.31
CA THR A 126 -46.78 8.76 -24.90
C THR A 126 -47.17 10.02 -24.17
N ARG A 127 -48.30 10.06 -23.48
CA ARG A 127 -48.65 11.32 -22.78
C ARG A 127 -47.97 11.54 -21.42
N ASN A 128 -47.39 10.49 -20.84
CA ASN A 128 -46.50 10.61 -19.67
C ASN A 128 -45.12 11.03 -20.17
N ALA A 129 -44.79 12.32 -20.04
CA ALA A 129 -43.66 12.88 -20.79
C ALA A 129 -42.28 12.35 -20.35
N THR A 130 -42.02 12.28 -19.05
CA THR A 130 -40.74 11.70 -18.59
C THR A 130 -40.57 10.21 -18.96
N LEU A 131 -41.63 9.41 -18.86
CA LEU A 131 -41.52 7.96 -19.21
C LEU A 131 -41.13 7.76 -20.67
N TYR A 132 -41.86 8.40 -21.56
CA TYR A 132 -41.58 8.31 -22.96
C TYR A 132 -40.20 8.89 -23.33
N ASP A 133 -39.79 10.06 -22.80
CA ASP A 133 -38.42 10.62 -23.04
C ASP A 133 -37.38 9.64 -22.60
N ALA A 134 -37.51 9.15 -21.37
CA ALA A 134 -36.60 8.09 -20.91
C ALA A 134 -36.58 6.87 -21.83
N LEU A 135 -37.71 6.52 -22.41
CA LEU A 135 -37.78 5.39 -23.31
C LEU A 135 -37.10 5.70 -24.66
N ALA A 137 -34.66 8.19 -24.97
CA ALA A 137 -33.24 8.34 -24.69
C ALA A 137 -32.62 6.97 -24.69
N PHE A 140 -32.37 5.42 -28.21
CA PHE A 140 -31.47 6.07 -29.17
C PHE A 140 -30.12 6.48 -28.65
N ALA A 141 -29.66 5.78 -27.59
CA ALA A 141 -28.33 6.03 -26.98
C ALA A 141 -27.22 5.24 -27.67
N VAL A 145 -23.86 1.48 -27.41
CA VAL A 145 -23.27 1.13 -26.11
C VAL A 145 -24.34 1.10 -24.98
N TRP A 146 -25.45 0.39 -25.26
CA TRP A 146 -26.66 0.36 -24.47
C TRP A 146 -26.85 -1.06 -23.94
N SER A 147 -28.10 -1.46 -23.64
CA SER A 147 -28.43 -2.85 -23.34
C SER A 147 -29.82 -3.28 -23.86
N GLU A 148 -29.88 -4.46 -24.48
CA GLU A 148 -31.15 -4.95 -25.00
C GLU A 148 -32.09 -5.36 -23.88
N ALA A 149 -31.56 -6.01 -22.86
CA ALA A 149 -32.35 -6.38 -21.68
C ALA A 149 -32.94 -5.16 -20.95
N ARG A 150 -32.12 -4.14 -20.72
CA ARG A 150 -32.59 -2.99 -19.98
C ARG A 150 -33.73 -2.31 -20.72
N PHE A 151 -33.55 -2.09 -22.03
CA PHE A 151 -34.54 -1.41 -22.85
C PHE A 151 -35.82 -2.25 -22.88
N SER A 152 -35.62 -3.55 -22.93
CA SER A 152 -36.70 -4.50 -22.96
C SER A 152 -37.52 -4.41 -21.67
N GLY A 153 -36.82 -4.40 -20.54
CA GLY A 153 -37.44 -4.29 -19.24
C GLY A 153 -38.21 -2.98 -19.12
N VAL A 155 -39.50 -1.23 -21.65
CA VAL A 155 -40.64 -1.36 -22.51
C VAL A 155 -41.75 -2.10 -21.73
N LYS A 156 -41.43 -3.24 -21.12
CA LYS A 156 -42.40 -3.94 -20.28
C LYS A 156 -43.01 -3.05 -19.15
N THR A 157 -42.18 -2.21 -18.51
CA THR A 157 -42.63 -1.24 -17.51
C THR A 157 -43.69 -0.31 -18.08
N ALA A 158 -43.39 0.28 -19.22
CA ALA A 158 -44.25 1.21 -19.89
C ALA A 158 -45.61 0.58 -20.22
N LEU A 159 -45.56 -0.59 -20.85
CA LEU A 159 -46.76 -1.33 -21.19
C LEU A 159 -47.59 -1.71 -19.93
N THR A 160 -46.90 -2.04 -18.83
CA THR A 160 -47.58 -2.40 -17.60
C THR A 160 -48.23 -1.13 -17.11
N LEU A 161 -47.57 -0.01 -17.34
CA LEU A 161 -48.14 1.22 -16.88
C LEU A 161 -49.42 1.51 -17.70
N ALA A 162 -49.37 1.32 -19.02
CA ALA A 162 -50.55 1.53 -19.83
C ALA A 162 -51.75 0.71 -19.36
N VAL A 163 -51.53 -0.55 -18.94
CA VAL A 163 -52.71 -1.36 -18.59
C VAL A 163 -53.19 -0.96 -17.21
N THR A 164 -52.26 -0.77 -16.32
CA THR A 164 -52.56 -0.20 -15.01
C THR A 164 -53.36 1.09 -15.09
N THR A 165 -52.89 2.07 -15.88
CA THR A 165 -53.62 3.32 -15.93
C THR A 165 -54.95 3.16 -16.66
N THR A 166 -54.96 2.28 -17.65
CA THR A 166 -56.19 1.87 -18.31
C THR A 166 -57.17 1.29 -17.32
N LEU A 167 -56.73 0.35 -16.47
CA LEU A 167 -57.58 -0.20 -15.44
C LEU A 167 -58.14 0.85 -14.46
N LYS A 168 -57.37 1.90 -14.20
CA LYS A 168 -57.75 2.87 -13.16
C LYS A 168 -58.89 3.74 -13.67
N GLU A 169 -58.85 3.99 -14.97
CA GLU A 169 -59.86 4.78 -15.63
C GLU A 169 -61.23 4.07 -15.68
N LEU A 170 -61.26 2.75 -15.52
CA LEU A 170 -62.53 2.01 -15.56
C LEU A 170 -63.17 1.67 -14.20
N THR A 171 -62.88 2.47 -13.17
CA THR A 171 -63.53 2.39 -11.84
C THR A 171 -63.02 3.53 -10.99
N THR B 6 -13.61 -13.26 -13.20
CA THR B 6 -13.34 -12.04 -14.02
C THR B 6 -14.63 -11.55 -14.72
N LEU B 7 -15.09 -10.35 -14.32
CA LEU B 7 -16.49 -9.84 -14.44
C LEU B 7 -17.12 -9.60 -15.82
N THR B 8 -18.23 -10.29 -16.11
CA THR B 8 -19.02 -10.07 -17.31
C THR B 8 -20.29 -9.29 -16.98
N GLU B 9 -20.65 -8.36 -17.87
CA GLU B 9 -21.81 -7.46 -17.71
C GLU B 9 -23.13 -8.20 -17.77
N ASP B 10 -23.11 -9.37 -18.42
CA ASP B 10 -24.30 -10.21 -18.54
C ASP B 10 -24.47 -11.03 -17.27
N ASP B 11 -23.35 -11.45 -16.70
CA ASP B 11 -23.34 -12.10 -15.39
C ASP B 11 -23.57 -11.09 -14.24
N VAL B 12 -23.31 -9.81 -14.47
CA VAL B 12 -23.51 -8.80 -13.44
C VAL B 12 -24.99 -8.41 -13.35
N LEU B 13 -25.65 -8.36 -14.50
CA LEU B 13 -27.09 -8.10 -14.59
C LEU B 13 -27.92 -9.23 -14.02
N GLU B 14 -27.51 -10.49 -14.22
CA GLU B 14 -28.27 -11.64 -13.69
C GLU B 14 -28.23 -11.59 -12.16
N GLN B 15 -27.03 -11.44 -11.62
CA GLN B 15 -26.84 -11.37 -10.19
C GLN B 15 -27.66 -10.24 -9.57
N LEU B 16 -27.59 -9.03 -10.13
CA LEU B 16 -28.28 -7.88 -9.54
C LEU B 16 -29.77 -7.97 -9.72
N ASP B 17 -30.22 -8.46 -10.87
CA ASP B 17 -31.65 -8.60 -11.05
C ASP B 17 -32.20 -9.68 -10.10
N ALA B 18 -31.37 -10.66 -9.75
CA ALA B 18 -31.75 -11.68 -8.77
C ALA B 18 -31.98 -11.20 -7.31
N GLN B 19 -31.71 -9.93 -7.00
CA GLN B 19 -31.84 -9.46 -5.62
C GLN B 19 -33.19 -8.78 -5.34
N ASP B 20 -34.04 -9.41 -4.54
CA ASP B 20 -35.40 -8.88 -4.30
C ASP B 20 -35.51 -7.78 -3.21
N ASN B 21 -34.38 -7.44 -2.58
CA ASN B 21 -34.40 -6.39 -1.56
C ASN B 21 -33.13 -5.53 -1.54
N LEU B 22 -33.28 -4.26 -1.14
CA LEU B 22 -32.16 -3.30 -1.05
C LEU B 22 -30.89 -3.89 -0.38
N PHE B 23 -31.08 -4.54 0.75
CA PHE B 23 -29.94 -5.04 1.51
C PHE B 23 -29.13 -6.08 0.73
N SER B 24 -29.80 -7.06 0.13
CA SER B 24 -29.17 -8.05 -0.77
C SER B 24 -28.59 -7.35 -1.99
N PHE B 25 -29.32 -6.39 -2.51
CA PHE B 25 -28.85 -5.71 -3.69
C PHE B 25 -27.46 -5.12 -3.45
N THR B 28 -24.67 -7.46 -2.95
CA THR B 28 -24.24 -7.97 -4.23
C THR B 28 -23.38 -6.93 -4.96
N ALA B 29 -23.94 -5.72 -5.11
CA ALA B 29 -23.26 -4.56 -5.68
C ALA B 29 -21.88 -4.32 -5.08
N HIS B 30 -21.76 -4.32 -3.75
CA HIS B 30 -20.47 -4.04 -3.12
C HIS B 30 -19.48 -5.10 -3.59
N SER B 31 -19.91 -6.35 -3.56
CA SER B 31 -19.06 -7.48 -3.97
C SER B 31 -18.57 -7.37 -5.42
N ILE B 32 -19.49 -7.04 -6.33
CA ILE B 32 -19.18 -6.80 -7.73
C ILE B 32 -18.27 -5.57 -7.92
N LEU B 33 -18.47 -4.54 -7.12
CA LEU B 33 -17.64 -3.35 -7.23
C LEU B 33 -16.21 -3.63 -6.72
N LEU B 34 -16.09 -4.35 -5.62
CA LEU B 34 -14.78 -4.65 -5.06
C LEU B 34 -14.00 -5.44 -6.11
N GLN B 35 -14.64 -6.48 -6.68
CA GLN B 35 -13.96 -7.25 -7.71
C GLN B 35 -13.66 -6.46 -8.99
N GLY B 36 -14.60 -5.60 -9.40
CA GLY B 36 -14.34 -4.66 -10.47
C GLY B 36 -13.10 -3.81 -10.21
N ILE B 37 -13.01 -3.27 -9.00
CA ILE B 37 -11.88 -2.45 -8.57
C ILE B 37 -10.60 -3.30 -8.56
N ARG B 38 -10.71 -4.53 -8.05
CA ARG B 38 -9.56 -5.41 -7.88
C ARG B 38 -8.96 -5.91 -9.19
N GLN B 39 -9.77 -6.05 -10.24
CA GLN B 39 -9.25 -6.42 -11.57
C GLN B 39 -8.48 -5.24 -12.16
N PHE B 40 -8.89 -4.02 -11.81
CA PHE B 40 -8.25 -2.80 -12.28
C PHE B 40 -6.88 -2.57 -11.66
N LEU B 41 -6.73 -2.87 -10.38
CA LEU B 41 -5.50 -2.59 -9.64
C LEU B 41 -4.14 -2.90 -10.33
N PRO B 42 -4.02 -4.09 -11.00
CA PRO B 42 -2.79 -4.38 -11.79
C PRO B 42 -2.36 -3.25 -12.73
N SER B 43 -3.35 -2.55 -13.27
CA SER B 43 -3.16 -1.40 -14.18
C SER B 43 -2.25 -0.34 -13.61
N LEU B 44 -2.19 -0.27 -12.27
CA LEU B 44 -1.45 0.78 -11.62
C LEU B 44 0.01 0.40 -11.51
N PHE B 45 0.30 -0.85 -11.82
CA PHE B 45 1.60 -1.39 -11.50
C PHE B 45 2.34 -1.91 -12.74
N VAL B 46 3.65 -1.91 -12.64
CA VAL B 46 4.54 -2.42 -13.66
C VAL B 46 4.14 -3.83 -14.10
N ASP B 47 4.07 -4.07 -15.41
CA ASP B 47 3.74 -5.40 -16.00
C ASP B 47 5.00 -6.20 -16.31
N ASN B 48 6.04 -5.50 -16.75
CA ASN B 48 7.19 -6.07 -17.44
C ASN B 48 8.32 -6.72 -16.59
N ASP B 49 8.19 -6.74 -15.27
CA ASP B 49 9.31 -7.12 -14.41
C ASP B 49 9.06 -8.36 -13.53
N GLU B 50 9.67 -9.49 -13.91
CA GLU B 50 9.68 -10.71 -13.11
C GLU B 50 9.68 -10.43 -11.59
N GLU B 51 10.74 -9.78 -11.10
CA GLU B 51 10.92 -9.49 -9.68
C GLU B 51 9.83 -8.56 -9.09
N ILE B 52 9.57 -7.42 -9.72
CA ILE B 52 8.57 -6.48 -9.17
C ILE B 52 7.19 -7.11 -9.06
N VAL B 53 6.84 -7.96 -10.01
CA VAL B 53 5.51 -8.56 -10.04
C VAL B 53 5.45 -9.66 -8.98
N GLU B 54 6.51 -10.44 -8.90
CA GLU B 54 6.57 -11.60 -8.02
C GLU B 54 6.69 -11.22 -6.54
N TYR B 55 7.41 -10.14 -6.23
CA TYR B 55 7.72 -9.76 -4.86
C TYR B 55 6.96 -8.55 -4.31
N ALA B 56 6.27 -7.81 -5.17
CA ALA B 56 5.53 -6.62 -4.75
C ALA B 56 4.09 -6.57 -5.23
N VAL B 57 3.88 -6.75 -6.53
CA VAL B 57 2.51 -6.75 -7.07
C VAL B 57 1.69 -7.88 -6.43
N PRO B 59 1.98 -9.96 -3.71
CA PRO B 59 1.56 -9.80 -2.33
C PRO B 59 0.66 -8.60 -2.08
N LEU B 60 0.80 -7.54 -2.88
CA LEU B 60 0.02 -6.31 -2.66
C LEU B 60 -1.43 -6.53 -3.04
N LEU B 61 -1.67 -7.56 -3.84
CA LEU B 61 -2.98 -7.81 -4.42
C LEU B 61 -3.59 -9.11 -3.90
N ALA B 62 -2.91 -9.76 -2.96
CA ALA B 62 -3.30 -11.11 -2.54
C ALA B 62 -4.64 -11.05 -1.83
N GLN B 63 -5.40 -12.15 -1.87
CA GLN B 63 -6.63 -12.18 -1.09
C GLN B 63 -6.29 -11.83 0.35
N SER B 64 -7.11 -10.95 0.94
CA SER B 64 -7.02 -10.53 2.34
C SER B 64 -5.84 -9.62 2.62
N GLY B 65 -5.10 -9.24 1.58
CA GLY B 65 -4.00 -8.30 1.70
C GLY B 65 -4.38 -6.86 2.00
N PRO B 66 -3.39 -5.94 1.99
CA PRO B 66 -3.57 -4.52 2.34
C PRO B 66 -4.44 -3.72 1.37
N LEU B 67 -4.87 -4.35 0.27
CA LEU B 67 -5.72 -3.73 -0.73
C LEU B 67 -6.99 -4.57 -1.06
N ASP B 68 -7.29 -5.58 -0.23
CA ASP B 68 -8.55 -6.33 -0.35
C ASP B 68 -9.59 -5.62 0.54
N ASP B 69 -9.77 -4.33 0.28
CA ASP B 69 -10.69 -3.48 1.01
C ASP B 69 -11.09 -2.35 0.06
N ILE B 70 -12.35 -2.30 -0.36
CA ILE B 70 -12.76 -1.32 -1.36
C ILE B 70 -12.34 0.11 -1.06
N ASP B 71 -12.34 0.50 0.21
CA ASP B 71 -12.02 1.89 0.56
C ASP B 71 -10.55 2.20 0.23
N VAL B 72 -9.60 1.43 0.79
CA VAL B 72 -8.18 1.69 0.59
C VAL B 72 -7.81 1.52 -0.88
N ALA B 73 -8.37 0.50 -1.52
CA ALA B 73 -8.27 0.37 -2.98
C ALA B 73 -8.71 1.61 -3.78
N LEU B 74 -9.85 2.20 -3.41
CA LEU B 74 -10.39 3.37 -4.10
C LEU B 74 -9.45 4.54 -3.88
N ARG B 75 -9.19 4.80 -2.61
CA ARG B 75 -8.26 5.84 -2.25
C ARG B 75 -6.93 5.70 -3.01
N LEU B 76 -6.42 4.47 -3.17
CA LEU B 76 -5.16 4.27 -3.90
C LEU B 76 -5.29 4.76 -5.35
N ILE B 77 -6.33 4.32 -6.04
CA ILE B 77 -6.54 4.69 -7.43
C ILE B 77 -6.72 6.20 -7.57
N TYR B 78 -7.48 6.81 -6.64
CA TYR B 78 -7.66 8.26 -6.61
C TYR B 78 -6.29 8.95 -6.40
N ALA B 79 -5.64 8.68 -5.27
CA ALA B 79 -4.28 9.11 -4.94
C ALA B 79 -3.25 9.14 -6.09
N LEU B 80 -3.28 8.13 -6.94
CA LEU B 80 -2.39 8.07 -8.09
C LEU B 80 -2.95 8.84 -9.29
N GLY B 81 -4.03 9.60 -9.06
CA GLY B 81 -4.66 10.43 -10.09
C GLY B 81 -5.19 9.62 -11.23
N LYS B 82 -5.86 8.53 -10.93
CA LYS B 82 -6.18 7.57 -11.98
C LYS B 82 -7.67 7.28 -12.14
N ASP B 84 -11.41 9.94 -11.98
CA ASP B 84 -11.81 11.35 -11.75
C ASP B 84 -12.80 11.45 -10.60
N LYS B 85 -13.07 12.68 -10.14
CA LYS B 85 -13.88 12.91 -8.92
C LYS B 85 -15.28 12.23 -8.89
N TRP B 86 -16.01 12.30 -10.01
CA TRP B 86 -17.37 11.81 -10.06
C TRP B 86 -17.48 10.31 -9.72
N LEU B 87 -16.58 9.50 -10.29
CA LEU B 87 -16.58 8.05 -10.14
C LEU B 87 -16.11 7.65 -8.76
N TYR B 88 -15.12 8.37 -8.25
CA TYR B 88 -14.66 8.14 -6.89
C TYR B 88 -15.78 8.48 -5.88
N ALA B 89 -16.46 9.61 -6.11
CA ALA B 89 -17.66 9.94 -5.31
C ALA B 89 -18.68 8.80 -5.36
N ASP B 90 -18.98 8.33 -6.55
CA ASP B 90 -20.04 7.35 -6.70
C ASP B 90 -19.72 6.08 -5.92
N ILE B 91 -18.52 5.53 -6.16
CA ILE B 91 -18.19 4.22 -5.62
C ILE B 91 -18.03 4.35 -4.11
N THR B 92 -17.42 5.44 -3.68
CA THR B 92 -17.40 5.77 -2.26
C THR B 92 -18.83 5.77 -1.70
N HIS B 93 -19.77 6.43 -2.37
CA HIS B 93 -21.14 6.44 -1.87
C HIS B 93 -21.72 5.04 -1.77
N PHE B 94 -21.49 4.20 -2.77
CA PHE B 94 -21.97 2.81 -2.68
C PHE B 94 -21.34 2.10 -1.50
N SER B 95 -20.12 2.49 -1.13
CA SER B 95 -19.41 1.79 -0.05
C SER B 95 -19.90 2.29 1.30
N GLN B 96 -20.01 3.60 1.42
CA GLN B 96 -20.56 4.17 2.63
C GLN B 96 -21.96 3.66 2.97
N TYR B 97 -22.83 3.54 1.96
CA TYR B 97 -24.18 2.99 2.14
C TYR B 97 -24.24 1.47 2.47
N TRP B 98 -23.39 0.67 1.85
CA TRP B 98 -23.32 -0.76 2.22
C TRP B 98 -22.90 -0.88 3.69
N HIS B 99 -21.91 -0.07 4.09
CA HIS B 99 -21.43 -0.05 5.47
C HIS B 99 -22.55 0.30 6.44
N TYR B 100 -23.27 1.38 6.13
CA TYR B 100 -24.45 1.72 6.89
C TYR B 100 -25.45 0.55 6.94
N LEU B 101 -25.74 -0.11 5.83
CA LEU B 101 -26.72 -1.20 5.83
C LEU B 101 -26.22 -2.39 6.66
N ASN B 102 -24.94 -2.70 6.47
CA ASN B 102 -24.33 -3.84 7.14
C ASN B 102 -23.92 -3.63 8.61
N GLU B 103 -23.81 -2.38 9.05
CA GLU B 103 -23.33 -2.12 10.40
C GLU B 103 -24.34 -1.42 11.28
N GLN B 104 -25.39 -0.88 10.71
CA GLN B 104 -26.27 0.02 11.46
C GLN B 104 -27.77 -0.31 11.34
N ASP B 105 -28.21 -0.60 10.11
CA ASP B 105 -29.62 -0.84 9.85
C ASP B 105 -29.80 -1.47 8.47
N GLU B 106 -30.21 -2.73 8.45
CA GLU B 106 -30.46 -3.46 7.20
C GLU B 106 -31.80 -3.12 6.62
N THR B 107 -32.65 -2.40 7.34
CA THR B 107 -34.07 -2.46 6.97
C THR B 107 -34.50 -1.55 5.82
N PRO B 108 -33.74 -0.48 5.50
CA PRO B 108 -34.21 0.32 4.37
C PRO B 108 -34.38 -0.46 3.05
N GLY B 109 -35.52 -0.25 2.39
CA GLY B 109 -35.77 -0.74 1.05
C GLY B 109 -35.53 0.29 -0.05
N PHE B 110 -35.72 -0.15 -1.29
CA PHE B 110 -35.61 0.67 -2.50
C PHE B 110 -36.39 1.99 -2.48
N ALA B 111 -37.57 1.97 -1.89
CA ALA B 111 -38.46 3.12 -1.92
C ALA B 111 -38.32 4.06 -0.71
N ASP B 112 -37.41 3.77 0.22
CA ASP B 112 -37.36 4.68 1.37
C ASP B 112 -36.68 6.04 1.13
N ASP B 113 -37.02 7.01 1.97
CA ASP B 113 -36.38 8.35 1.92
C ASP B 113 -34.86 8.23 1.88
N ILE B 114 -34.34 7.36 2.73
CA ILE B 114 -32.89 7.29 2.87
C ILE B 114 -32.25 6.81 1.57
N THR B 115 -32.84 5.85 0.87
CA THR B 115 -32.19 5.35 -0.33
C THR B 115 -32.39 6.31 -1.53
N TRP B 116 -33.47 7.07 -1.47
CA TRP B 116 -33.69 8.12 -2.45
C TRP B 116 -32.58 9.19 -2.22
N ASP B 117 -32.35 9.55 -0.98
CA ASP B 117 -31.25 10.48 -0.67
C ASP B 117 -29.93 9.99 -1.24
N PHE B 118 -29.71 8.69 -1.14
CA PHE B 118 -28.49 8.12 -1.64
C PHE B 118 -28.48 8.23 -3.17
N ILE B 119 -29.59 7.87 -3.83
CA ILE B 119 -29.56 7.90 -5.29
C ILE B 119 -29.48 9.30 -5.91
N SER B 120 -29.86 10.32 -5.15
CA SER B 120 -29.73 11.72 -5.58
C SER B 120 -28.28 12.21 -5.62
N ASN B 121 -27.39 11.55 -4.91
CA ASN B 121 -25.97 11.88 -4.98
C ASN B 121 -25.12 10.86 -5.72
N VAL B 122 -25.76 10.00 -6.53
CA VAL B 122 -25.03 9.11 -7.43
C VAL B 122 -25.06 9.78 -8.79
N ASN B 123 -23.89 10.17 -9.28
CA ASN B 123 -23.75 10.99 -10.49
C ASN B 123 -24.14 10.24 -11.76
N SER B 124 -23.87 8.95 -11.77
CA SER B 124 -24.20 8.15 -12.95
C SER B 124 -25.72 7.99 -13.07
N ILE B 125 -26.43 8.21 -11.99
CA ILE B 125 -27.89 8.26 -12.04
C ILE B 125 -28.36 9.68 -12.40
N THR B 126 -27.88 10.65 -11.65
CA THR B 126 -28.22 12.08 -11.79
C THR B 126 -27.89 12.74 -13.14
N ARG B 127 -26.84 12.24 -13.79
CA ARG B 127 -26.31 12.78 -15.06
C ARG B 127 -27.09 12.34 -16.25
N ASN B 128 -27.75 11.19 -16.08
CA ASN B 128 -28.79 10.70 -16.98
C ASN B 128 -30.08 11.47 -16.72
N ALA B 129 -30.09 12.74 -17.15
CA ALA B 129 -31.23 13.62 -16.93
C ALA B 129 -32.57 12.84 -17.09
N THR B 130 -32.69 12.19 -18.23
CA THR B 130 -33.91 11.54 -18.68
C THR B 130 -34.39 10.42 -17.70
N LEU B 131 -33.50 9.51 -17.30
CA LEU B 131 -33.78 8.49 -16.30
C LEU B 131 -34.06 9.05 -14.89
N TYR B 132 -33.27 10.04 -14.49
CA TYR B 132 -33.47 10.70 -13.21
C TYR B 132 -34.80 11.45 -13.17
N ASP B 133 -35.07 12.25 -14.21
CA ASP B 133 -36.34 12.95 -14.32
C ASP B 133 -37.54 12.00 -14.15
N ALA B 134 -37.44 10.80 -14.72
CA ALA B 134 -38.55 9.84 -14.66
C ALA B 134 -38.72 9.37 -13.24
N LEU B 135 -37.61 9.12 -12.54
CA LEU B 135 -37.65 8.75 -11.12
C LEU B 135 -38.31 9.83 -10.28
N ALA B 137 -40.51 12.22 -11.08
CA ALA B 137 -41.93 12.42 -11.37
C ALA B 137 -42.78 11.26 -10.84
N PHE B 140 -42.53 12.19 -6.92
CA PHE B 140 -42.98 13.49 -6.41
C PHE B 140 -44.19 14.02 -7.15
N ALA B 141 -43.98 14.62 -8.32
CA ALA B 141 -45.05 15.12 -9.18
C ALA B 141 -46.11 14.06 -9.48
N ASP B 142 -46.08 12.95 -8.73
CA ASP B 142 -47.07 11.88 -8.85
C ASP B 142 -48.13 11.99 -7.74
N PHE B 143 -49.33 12.41 -8.15
CA PHE B 143 -50.42 12.72 -7.22
C PHE B 143 -51.33 11.50 -7.02
N ALA B 144 -51.19 10.82 -5.88
CA ALA B 144 -52.06 9.66 -5.52
C ALA B 144 -52.30 8.68 -6.68
N VAL B 145 -51.25 8.54 -7.49
CA VAL B 145 -51.12 7.58 -8.58
C VAL B 145 -49.80 6.84 -8.32
N TRP B 146 -49.29 7.05 -7.11
CA TRP B 146 -48.06 6.42 -6.60
C TRP B 146 -48.19 4.90 -6.49
N SER B 147 -47.31 4.17 -7.15
CA SER B 147 -47.14 2.74 -6.91
C SER B 147 -45.75 2.50 -6.26
N GLU B 148 -45.75 2.05 -5.00
CA GLU B 148 -44.51 1.74 -4.32
C GLU B 148 -43.74 0.66 -5.07
N ALA B 149 -44.45 -0.40 -5.49
CA ALA B 149 -43.84 -1.51 -6.22
C ALA B 149 -43.16 -1.05 -7.52
N ARG B 150 -43.83 -0.17 -8.27
CA ARG B 150 -43.27 0.32 -9.53
C ARG B 150 -42.10 1.28 -9.29
N PHE B 151 -42.25 2.20 -8.32
CA PHE B 151 -41.13 3.01 -7.88
C PHE B 151 -39.90 2.16 -7.48
N SER B 152 -40.12 1.13 -6.68
CA SER B 152 -39.06 0.23 -6.31
C SER B 152 -38.31 -0.36 -7.49
N GLY B 153 -39.03 -0.87 -8.50
CA GLY B 153 -38.42 -1.34 -9.75
C GLY B 153 -37.61 -0.26 -10.45
N VAL B 155 -36.07 2.21 -9.13
CA VAL B 155 -34.90 2.48 -8.33
C VAL B 155 -33.88 1.38 -8.55
N THR B 157 -33.61 -0.48 -11.12
CA THR B 157 -33.07 -0.31 -12.47
C THR B 157 -31.98 0.74 -12.53
N ALA B 158 -32.18 1.84 -11.80
CA ALA B 158 -31.23 2.92 -11.76
C ALA B 158 -29.98 2.53 -10.98
N LEU B 159 -30.17 1.78 -9.90
CA LEU B 159 -29.08 1.31 -9.09
C LEU B 159 -28.29 0.35 -9.93
N THR B 160 -28.99 -0.41 -10.79
CA THR B 160 -28.32 -1.35 -11.67
C THR B 160 -27.56 -0.60 -12.74
N LEU B 161 -28.21 0.34 -13.40
CA LEU B 161 -27.50 1.23 -14.34
C LEU B 161 -26.22 1.78 -13.72
N ALA B 162 -26.30 2.20 -12.45
CA ALA B 162 -25.16 2.84 -11.78
C ALA B 162 -23.95 1.91 -11.58
N VAL B 163 -24.18 0.65 -11.20
CA VAL B 163 -23.02 -0.20 -11.01
C VAL B 163 -22.45 -0.58 -12.37
N THR B 164 -23.36 -0.87 -13.28
CA THR B 164 -23.04 -1.28 -14.62
C THR B 164 -22.20 -0.21 -15.36
N THR B 165 -22.49 1.08 -15.11
CA THR B 165 -21.76 2.17 -15.75
C THR B 165 -20.44 2.46 -15.03
N THR B 166 -20.39 2.17 -13.73
CA THR B 166 -19.15 2.24 -12.96
C THR B 166 -18.13 1.18 -13.43
N LEU B 167 -18.56 -0.07 -13.51
CA LEU B 167 -17.75 -1.15 -14.06
C LEU B 167 -17.15 -0.84 -15.43
N GLU B 169 -16.59 1.89 -16.67
CA GLU B 169 -15.72 3.03 -16.52
C GLU B 169 -14.36 2.60 -16.04
N LEU B 170 -14.32 1.43 -15.40
CA LEU B 170 -13.06 0.83 -14.96
C LEU B 170 -12.44 0.05 -16.11
N THR B 171 -13.01 0.21 -17.32
CA THR B 171 -12.46 -0.39 -18.52
C THR B 171 -12.30 0.69 -19.58
N ALA C 3 5.16 8.12 14.55
CA ALA C 3 5.38 9.42 13.86
C ALA C 3 6.58 10.16 14.44
N ALA C 5 9.39 13.84 13.66
CA ALA C 5 9.64 15.06 12.89
C ALA C 5 10.54 14.68 11.71
N THR C 6 10.43 15.43 10.61
CA THR C 6 11.14 15.08 9.36
C THR C 6 12.68 15.03 9.56
N LEU C 7 13.18 13.84 9.88
CA LEU C 7 14.54 13.62 10.40
C LEU C 7 15.69 14.16 9.54
N THR C 8 16.73 14.67 10.19
CA THR C 8 17.94 15.16 9.54
C THR C 8 19.02 14.08 9.56
N GLU C 9 20.01 14.23 8.68
CA GLU C 9 21.12 13.26 8.55
C GLU C 9 22.07 13.22 9.75
N ASP C 10 22.04 14.28 10.58
CA ASP C 10 22.94 14.40 11.73
C ASP C 10 22.34 13.83 13.02
N ASP C 11 21.02 13.90 13.16
CA ASP C 11 20.34 13.23 14.28
C ASP C 11 20.30 11.72 14.07
N VAL C 12 20.15 11.29 12.82
CA VAL C 12 20.16 9.85 12.52
C VAL C 12 21.51 9.26 12.92
N LEU C 13 22.57 10.00 12.61
CA LEU C 13 23.93 9.65 13.04
C LEU C 13 24.04 9.45 14.55
N GLU C 14 23.35 10.34 15.30
CA GLU C 14 23.29 10.29 16.76
C GLU C 14 22.48 9.13 17.30
N GLN C 15 21.23 9.00 16.82
CA GLN C 15 20.34 7.93 17.27
C GLN C 15 21.04 6.59 17.11
N LEU C 16 21.78 6.47 16.02
CA LEU C 16 22.44 5.22 15.70
C LEU C 16 23.71 5.02 16.51
N ASP C 17 24.50 6.06 16.70
CA ASP C 17 25.72 5.90 17.45
C ASP C 17 25.45 5.64 18.93
N ALA C 18 24.33 6.14 19.42
CA ALA C 18 23.88 5.85 20.78
C ALA C 18 23.54 4.36 21.03
N GLN C 19 23.53 3.52 20.00
CA GLN C 19 23.18 2.10 20.20
C GLN C 19 24.43 1.21 20.31
N ASP C 20 24.55 0.46 21.41
CA ASP C 20 25.76 -0.35 21.63
C ASP C 20 25.58 -1.86 21.50
N ASN C 21 24.49 -2.27 20.87
CA ASN C 21 24.27 -3.68 20.51
C ASN C 21 23.42 -3.77 19.26
N LEU C 22 23.65 -4.81 18.49
CA LEU C 22 22.91 -5.08 17.25
C LEU C 22 21.39 -4.93 17.44
N PHE C 23 20.86 -5.50 18.52
CA PHE C 23 19.43 -5.56 18.70
C PHE C 23 18.92 -4.14 18.72
N SER C 24 19.50 -3.33 19.62
CA SER C 24 19.08 -1.92 19.74
C SER C 24 19.39 -1.16 18.46
N PHE C 25 20.46 -1.52 17.78
CA PHE C 25 20.80 -0.84 16.56
C PHE C 25 19.68 -0.98 15.52
N THR C 28 16.35 0.65 16.28
CA THR C 28 16.47 2.02 15.86
C THR C 28 16.47 2.16 14.32
N ALA C 29 17.29 1.39 13.61
CA ALA C 29 17.36 1.49 12.16
C ALA C 29 16.03 1.17 11.53
N HIS C 30 15.31 0.20 12.09
CA HIS C 30 14.01 -0.14 11.55
C HIS C 30 13.08 1.06 11.71
N SER C 31 13.02 1.58 12.92
CA SER C 31 12.28 2.77 13.21
C SER C 31 12.62 3.98 12.31
N ILE C 32 13.89 4.16 11.96
CA ILE C 32 14.29 5.28 11.07
C ILE C 32 13.91 5.05 9.58
N LEU C 33 14.30 3.90 9.01
CA LEU C 33 13.91 3.53 7.64
C LEU C 33 12.40 3.59 7.40
N LEU C 34 11.62 3.25 8.44
CA LEU C 34 10.18 3.33 8.35
C LEU C 34 9.76 4.77 8.13
N GLN C 35 10.29 5.69 8.95
CA GLN C 35 9.87 7.09 8.85
C GLN C 35 10.35 7.70 7.53
N GLY C 36 11.59 7.40 7.17
CA GLY C 36 12.14 7.91 5.91
C GLY C 36 11.26 7.48 4.76
N ILE C 37 10.80 6.24 4.83
CA ILE C 37 9.91 5.72 3.82
C ILE C 37 8.57 6.47 3.82
N ARG C 38 7.99 6.66 5.01
CA ARG C 38 6.74 7.41 5.18
C ARG C 38 6.82 8.89 4.80
N GLN C 39 8.01 9.45 4.88
CA GLN C 39 8.24 10.83 4.41
C GLN C 39 8.38 10.93 2.90
N PHE C 40 8.75 9.81 2.29
CA PHE C 40 8.90 9.73 0.84
C PHE C 40 7.56 9.54 0.23
N LEU C 41 6.66 8.96 1.01
CA LEU C 41 5.39 8.43 0.54
C LEU C 41 4.47 9.38 -0.22
N PRO C 42 4.27 10.63 0.29
CA PRO C 42 3.34 11.52 -0.42
C PRO C 42 3.77 11.85 -1.84
N SER C 43 5.07 11.73 -2.13
CA SER C 43 5.56 12.04 -3.45
C SER C 43 5.13 11.02 -4.50
N LEU C 44 4.50 9.93 -4.07
CA LEU C 44 3.86 8.97 -4.98
C LEU C 44 2.53 9.46 -5.58
N PHE C 45 1.93 10.46 -4.92
CA PHE C 45 0.53 10.81 -5.09
C PHE C 45 0.31 12.26 -5.49
N VAL C 46 -0.85 12.55 -6.07
CA VAL C 46 -1.28 13.93 -6.31
C VAL C 46 -1.10 14.79 -5.02
N ASP C 47 -0.64 16.03 -5.16
CA ASP C 47 -0.43 16.95 -4.04
C ASP C 47 -1.12 18.31 -4.23
N ASN C 48 -1.49 18.58 -5.48
CA ASN C 48 -2.06 19.86 -5.88
C ASN C 48 -3.59 19.81 -6.05
N ASP C 49 -4.20 18.73 -5.57
CA ASP C 49 -5.65 18.63 -5.60
C ASP C 49 -6.17 18.57 -4.15
N GLU C 50 -6.73 19.69 -3.70
CA GLU C 50 -7.22 19.82 -2.33
C GLU C 50 -8.00 18.59 -1.84
N GLU C 51 -8.85 18.04 -2.71
CA GLU C 51 -9.79 16.96 -2.35
C GLU C 51 -9.17 15.57 -2.40
N ILE C 52 -8.34 15.32 -3.41
CA ILE C 52 -7.57 14.08 -3.47
C ILE C 52 -6.63 13.90 -2.28
N VAL C 53 -5.99 14.98 -1.86
CA VAL C 53 -5.14 14.99 -0.66
C VAL C 53 -5.96 14.62 0.57
N GLU C 54 -7.09 15.28 0.74
CA GLU C 54 -7.90 15.13 1.94
C GLU C 54 -8.65 13.82 2.02
N TYR C 55 -9.24 13.38 0.92
CA TYR C 55 -10.03 12.16 0.94
C TYR C 55 -9.26 10.85 0.72
N ALA C 56 -8.12 10.89 0.02
CA ALA C 56 -7.37 9.68 -0.35
C ALA C 56 -6.02 9.57 0.32
N VAL C 57 -5.22 10.61 0.12
CA VAL C 57 -3.82 10.62 0.52
C VAL C 57 -3.68 10.61 2.04
N PRO C 59 -5.98 9.79 4.59
CA PRO C 59 -6.39 8.49 5.12
C PRO C 59 -5.47 7.33 4.76
N LEU C 60 -4.92 7.33 3.54
CA LEU C 60 -4.01 6.26 3.11
C LEU C 60 -2.73 6.21 3.97
N LEU C 61 -2.36 7.35 4.55
CA LEU C 61 -1.08 7.53 5.23
C LEU C 61 -1.21 7.95 6.70
N ALA C 62 -2.38 7.76 7.29
CA ALA C 62 -2.54 8.01 8.72
C ALA C 62 -1.79 6.95 9.50
N GLN C 63 -1.59 7.25 10.78
CA GLN C 63 -1.21 6.29 11.80
C GLN C 63 -2.03 5.01 11.68
N SER C 64 -1.36 3.85 11.75
CA SER C 64 -2.03 2.55 11.66
C SER C 64 -2.95 2.41 10.43
N GLY C 65 -2.74 3.25 9.42
CA GLY C 65 -3.39 3.07 8.14
C GLY C 65 -2.75 1.93 7.35
N PRO C 66 -3.24 1.66 6.13
CA PRO C 66 -2.72 0.62 5.22
C PRO C 66 -1.21 0.65 5.01
N LEU C 67 -0.57 1.81 5.16
CA LEU C 67 0.84 1.94 4.81
C LEU C 67 1.73 2.33 6.00
N ASP C 68 1.28 2.07 7.21
CA ASP C 68 2.15 2.27 8.38
C ASP C 68 2.89 0.97 8.69
N ASP C 69 3.38 0.32 7.65
CA ASP C 69 4.10 -0.93 7.71
C ASP C 69 5.12 -0.88 6.57
N ILE C 70 6.36 -1.22 6.88
CA ILE C 70 7.49 -1.00 6.00
C ILE C 70 7.51 -1.97 4.82
N ASP C 71 7.13 -3.22 5.04
CA ASP C 71 7.06 -4.18 3.94
C ASP C 71 6.01 -3.83 2.87
N VAL C 72 4.82 -3.42 3.30
CA VAL C 72 3.79 -3.02 2.34
C VAL C 72 4.13 -1.71 1.61
N ALA C 73 4.53 -0.68 2.36
CA ALA C 73 5.02 0.55 1.77
C ALA C 73 6.15 0.28 0.75
N LEU C 74 7.10 -0.59 1.11
CA LEU C 74 8.18 -0.93 0.18
C LEU C 74 7.58 -1.55 -1.05
N ARG C 75 6.68 -2.51 -0.84
CA ARG C 75 6.06 -3.20 -1.95
C ARG C 75 5.39 -2.21 -2.90
N LEU C 76 4.62 -1.27 -2.33
CA LEU C 76 4.02 -0.20 -3.14
C LEU C 76 5.09 0.54 -3.92
N ILE C 77 6.11 1.06 -3.24
CA ILE C 77 7.03 1.96 -3.95
C ILE C 77 7.71 1.26 -5.14
N TYR C 78 8.10 0.01 -4.91
CA TYR C 78 8.72 -0.80 -5.93
C TYR C 78 7.69 -1.13 -7.01
N ALA C 79 6.47 -1.47 -6.59
CA ALA C 79 5.45 -1.87 -7.56
C ALA C 79 5.07 -0.73 -8.50
N LEU C 80 5.27 0.51 -8.06
CA LEU C 80 4.99 1.66 -8.91
C LEU C 80 6.19 2.02 -9.78
N GLY C 81 7.24 1.20 -9.70
CA GLY C 81 8.47 1.42 -10.44
C GLY C 81 9.24 2.62 -9.93
N ASP C 84 14.85 1.49 -7.51
CA ASP C 84 15.51 0.38 -8.20
C ASP C 84 15.93 -0.82 -7.34
N TRP C 86 18.43 -2.51 -6.29
CA TRP C 86 19.45 -2.51 -5.24
C TRP C 86 18.94 -1.93 -3.94
N LEU C 87 18.26 -0.79 -4.05
CA LEU C 87 17.68 -0.11 -2.89
C LEU C 87 16.63 -1.00 -2.26
N TYR C 88 15.73 -1.52 -3.07
CA TYR C 88 14.72 -2.44 -2.57
C TYR C 88 15.36 -3.62 -1.90
N ALA C 89 16.41 -4.18 -2.50
CA ALA C 89 17.10 -5.32 -1.88
C ALA C 89 17.58 -4.88 -0.50
N ASP C 90 18.27 -3.74 -0.48
CA ASP C 90 18.82 -3.21 0.76
C ASP C 90 17.81 -3.07 1.89
N ILE C 91 16.69 -2.39 1.66
CA ILE C 91 15.77 -2.16 2.76
C ILE C 91 14.97 -3.43 3.10
N THR C 92 14.71 -4.25 2.09
CA THR C 92 14.04 -5.52 2.38
C THR C 92 14.91 -6.32 3.34
N HIS C 93 16.22 -6.34 3.09
CA HIS C 93 17.15 -7.02 4.01
C HIS C 93 17.19 -6.49 5.44
N PHE C 94 17.16 -5.16 5.61
CA PHE C 94 17.15 -4.59 6.96
C PHE C 94 15.94 -5.11 7.66
N SER C 95 14.83 -5.09 6.93
CA SER C 95 13.53 -5.43 7.48
C SER C 95 13.49 -6.92 7.77
N GLN C 96 13.99 -7.74 6.86
CA GLN C 96 14.04 -9.18 7.13
C GLN C 96 14.80 -9.49 8.42
N TYR C 97 16.01 -8.94 8.55
CA TYR C 97 16.86 -9.17 9.71
C TYR C 97 16.24 -8.66 10.97
N TRP C 98 15.68 -7.46 10.92
CA TRP C 98 14.93 -6.99 12.07
C TRP C 98 13.78 -7.93 12.48
N HIS C 99 12.95 -8.37 11.55
CA HIS C 99 11.95 -9.41 11.89
C HIS C 99 12.65 -10.61 12.59
N TYR C 100 13.81 -11.02 12.09
CA TYR C 100 14.48 -12.18 12.65
C TYR C 100 14.90 -11.88 14.08
N LEU C 101 15.44 -10.69 14.31
CA LEU C 101 15.91 -10.34 15.67
C LEU C 101 14.74 -10.18 16.65
N ASN C 102 13.61 -9.70 16.13
CA ASN C 102 12.48 -9.42 16.98
C ASN C 102 11.56 -10.61 17.18
N GLU C 103 11.51 -11.50 16.20
CA GLU C 103 10.51 -12.56 16.21
C GLU C 103 11.13 -13.91 16.56
N GLN C 104 12.45 -14.04 16.36
CA GLN C 104 13.10 -15.35 16.29
C GLN C 104 14.28 -15.54 17.26
N ASP C 105 15.27 -14.64 17.19
CA ASP C 105 16.49 -14.71 18.01
C ASP C 105 17.15 -13.34 18.14
N GLU C 106 17.04 -12.77 19.31
CA GLU C 106 17.50 -11.41 19.58
C GLU C 106 19.01 -11.33 19.92
N THR C 107 19.63 -12.51 20.08
CA THR C 107 20.99 -12.58 20.63
C THR C 107 22.16 -12.17 19.72
N PRO C 108 22.03 -12.32 18.39
CA PRO C 108 23.25 -11.99 17.59
C PRO C 108 23.81 -10.60 17.87
N GLY C 109 25.13 -10.45 17.70
CA GLY C 109 25.86 -9.20 17.90
C GLY C 109 26.54 -8.71 16.64
N PHE C 110 27.23 -7.56 16.71
CA PHE C 110 27.85 -6.95 15.54
C PHE C 110 28.93 -7.80 14.93
N ALA C 111 29.55 -8.67 15.73
CA ALA C 111 30.69 -9.45 15.25
C ALA C 111 30.37 -10.93 15.03
N ASP C 112 29.09 -11.28 14.92
CA ASP C 112 28.70 -12.67 14.68
C ASP C 112 28.64 -13.03 13.20
N ASP C 113 28.71 -14.34 12.90
CA ASP C 113 28.56 -14.88 11.56
C ASP C 113 27.24 -14.50 10.86
N ILE C 114 26.14 -14.53 11.61
CA ILE C 114 24.84 -14.19 11.05
C ILE C 114 24.74 -12.73 10.57
N THR C 115 25.25 -11.79 11.38
CA THR C 115 25.38 -10.37 11.03
C THR C 115 26.34 -10.19 9.84
N TRP C 116 27.43 -10.96 9.84
CA TRP C 116 28.38 -10.90 8.73
C TRP C 116 27.68 -11.27 7.42
N ASP C 117 27.04 -12.42 7.38
CA ASP C 117 26.29 -12.85 6.21
C ASP C 117 25.31 -11.75 5.78
N PHE C 118 24.76 -11.02 6.74
CA PHE C 118 23.86 -9.95 6.43
C PHE C 118 24.55 -8.76 5.71
N ILE C 119 25.57 -8.16 6.34
CA ILE C 119 26.23 -6.99 5.72
C ILE C 119 26.81 -7.37 4.35
N SER C 120 27.30 -8.59 4.23
CA SER C 120 27.71 -9.18 2.97
C SER C 120 26.65 -9.10 1.87
N ASN C 121 25.40 -8.84 2.25
CA ASN C 121 24.31 -8.78 1.26
C ASN C 121 23.64 -7.43 1.14
N VAL C 122 24.28 -6.42 1.72
CA VAL C 122 23.82 -5.03 1.65
C VAL C 122 24.64 -4.26 0.61
N ASN C 123 24.00 -3.95 -0.51
CA ASN C 123 24.68 -3.36 -1.66
C ASN C 123 25.38 -2.04 -1.31
N SER C 124 24.76 -1.20 -0.49
CA SER C 124 25.46 0.02 -0.10
C SER C 124 26.74 -0.27 0.71
N ILE C 125 26.89 -1.47 1.28
CA ILE C 125 28.16 -1.92 1.84
C ILE C 125 29.06 -2.65 0.79
N THR C 126 28.61 -3.80 0.26
CA THR C 126 29.18 -4.48 -0.91
C THR C 126 29.94 -3.49 -1.79
N ARG C 127 29.22 -2.42 -2.18
CA ARG C 127 29.69 -1.46 -3.20
C ARG C 127 30.82 -0.57 -2.74
N ASN C 128 30.89 -0.29 -1.45
CA ASN C 128 31.93 0.57 -0.96
C ASN C 128 33.23 -0.23 -0.86
N ALA C 129 34.07 -0.06 -1.88
CA ALA C 129 35.25 -0.89 -2.09
C ALA C 129 36.17 -0.82 -0.89
N THR C 130 36.70 0.38 -0.63
CA THR C 130 37.52 0.64 0.55
C THR C 130 36.84 0.16 1.85
N LEU C 131 35.63 0.59 2.10
CA LEU C 131 34.94 0.16 3.30
C LEU C 131 34.96 -1.35 3.43
N TYR C 132 34.15 -1.99 2.61
CA TYR C 132 34.08 -3.47 2.57
C TYR C 132 35.44 -4.21 2.62
N ASP C 133 36.45 -3.70 1.92
CA ASP C 133 37.79 -4.31 2.00
C ASP C 133 38.45 -4.18 3.36
N ALA C 134 38.31 -3.01 3.97
CA ALA C 134 38.78 -2.79 5.33
C ALA C 134 38.12 -3.81 6.22
N LEU C 135 36.80 -3.91 6.06
CA LEU C 135 35.94 -4.78 6.86
C LEU C 135 36.32 -6.26 6.76
N ALA C 137 39.22 -7.56 5.85
CA ALA C 137 40.56 -7.79 6.42
C ALA C 137 40.50 -7.81 7.95
N PHE C 140 39.12 -11.27 9.01
CA PHE C 140 39.96 -12.48 8.98
C PHE C 140 41.28 -12.38 9.78
N ALA C 141 41.40 -11.35 10.60
CA ALA C 141 42.61 -11.12 11.39
C ALA C 141 42.46 -11.30 12.91
N ASP C 142 43.58 -11.01 13.61
CA ASP C 142 43.84 -11.30 15.04
C ASP C 142 44.13 -12.80 15.29
N VAL C 145 46.01 -8.70 16.38
CA VAL C 145 45.87 -7.27 16.10
C VAL C 145 44.52 -6.67 16.54
N TRP C 146 43.42 -7.20 15.99
CA TRP C 146 42.07 -6.61 16.19
C TRP C 146 41.22 -7.25 17.29
N SER C 147 40.99 -6.49 18.35
CA SER C 147 39.98 -6.82 19.36
C SER C 147 38.59 -7.06 18.76
N GLU C 148 37.74 -7.82 19.47
CA GLU C 148 36.36 -8.06 19.07
C GLU C 148 35.58 -6.74 19.03
N ALA C 149 35.77 -5.92 20.07
CA ALA C 149 35.05 -4.66 20.17
C ALA C 149 35.44 -3.76 19.01
N ARG C 150 36.71 -3.81 18.62
CA ARG C 150 37.22 -3.00 17.51
C ARG C 150 36.65 -3.39 16.14
N PHE C 151 36.37 -4.68 15.95
CA PHE C 151 35.72 -5.13 14.73
C PHE C 151 34.22 -4.80 14.73
N SER C 152 33.57 -4.95 15.89
CA SER C 152 32.17 -4.54 16.11
C SER C 152 31.95 -3.08 15.79
N GLY C 153 32.78 -2.19 16.36
CA GLY C 153 32.74 -0.75 16.07
C GLY C 153 32.81 -0.47 14.59
N VAL C 155 31.96 -2.69 12.10
CA VAL C 155 30.72 -3.24 11.57
C VAL C 155 29.61 -2.23 11.74
N LYS C 156 29.61 -1.58 12.89
CA LYS C 156 28.61 -0.57 13.26
C LYS C 156 28.71 0.68 12.37
N THR C 157 29.93 1.14 12.09
CA THR C 157 30.09 2.24 11.13
C THR C 157 29.40 1.84 9.80
N ALA C 158 29.69 0.64 9.33
CA ALA C 158 29.15 0.11 8.07
C ALA C 158 27.62 -0.01 8.05
N LEU C 159 27.03 -0.51 9.14
CA LEU C 159 25.58 -0.56 9.26
C LEU C 159 25.00 0.85 9.19
N THR C 160 25.57 1.77 9.97
CA THR C 160 25.21 3.20 9.98
C THR C 160 25.30 3.82 8.60
N LEU C 161 26.37 3.50 7.87
CA LEU C 161 26.50 4.02 6.51
C LEU C 161 25.39 3.47 5.61
N ALA C 162 25.02 2.20 5.74
CA ALA C 162 23.89 1.70 4.92
C ALA C 162 22.58 2.46 5.15
N VAL C 163 22.24 2.73 6.42
CA VAL C 163 20.96 3.40 6.68
C VAL C 163 20.99 4.82 6.15
N THR C 164 22.13 5.48 6.39
CA THR C 164 22.48 6.81 5.89
C THR C 164 22.45 6.96 4.35
N THR C 165 22.80 5.90 3.61
CA THR C 165 22.83 5.95 2.15
C THR C 165 21.45 5.60 1.60
N THR C 166 20.76 4.72 2.30
CA THR C 166 19.41 4.42 1.96
C THR C 166 18.59 5.70 2.09
N LEU C 167 18.80 6.41 3.19
CA LEU C 167 18.06 7.63 3.45
C LEU C 167 18.26 8.66 2.34
N LYS C 168 19.52 8.87 1.97
CA LYS C 168 19.87 9.85 0.91
C LYS C 168 19.10 9.57 -0.37
N GLU C 169 19.07 8.30 -0.77
CA GLU C 169 18.35 7.84 -1.97
C GLU C 169 16.80 7.97 -1.90
N LEU C 170 16.30 8.57 -0.81
CA LEU C 170 14.84 8.68 -0.56
C LEU C 170 14.20 10.09 -0.63
N THR C 171 14.89 11.08 -1.18
CA THR C 171 14.30 12.41 -1.42
C THR C 171 14.11 12.74 -2.91
N ALA D 5 59.97 -5.70 38.92
CA ALA D 5 59.16 -5.78 37.66
C ALA D 5 59.99 -5.73 36.35
N THR D 6 60.35 -6.90 35.83
CA THR D 6 60.68 -7.07 34.41
C THR D 6 59.36 -7.01 33.64
N LEU D 7 59.20 -5.98 32.80
CA LEU D 7 58.00 -5.83 31.96
C LEU D 7 57.52 -7.12 31.29
N THR D 8 56.27 -7.47 31.55
CA THR D 8 55.61 -8.55 30.84
C THR D 8 54.69 -7.95 29.81
N GLU D 9 54.46 -8.69 28.74
CA GLU D 9 53.74 -8.14 27.63
C GLU D 9 52.33 -7.75 28.07
N ASP D 10 51.76 -8.52 28.98
CA ASP D 10 50.39 -8.26 29.39
C ASP D 10 50.18 -6.95 30.16
N ASP D 11 51.21 -6.50 30.88
CA ASP D 11 51.13 -5.21 31.58
C ASP D 11 51.74 -4.02 30.82
N VAL D 12 52.45 -4.29 29.73
CA VAL D 12 52.90 -3.23 28.83
C VAL D 12 51.70 -2.80 28.01
N LEU D 13 50.90 -3.80 27.65
CA LEU D 13 49.67 -3.63 26.92
C LEU D 13 48.71 -2.82 27.79
N GLU D 14 48.90 -2.99 29.10
CA GLU D 14 48.02 -2.44 30.12
C GLU D 14 48.23 -0.94 30.23
N GLN D 15 49.49 -0.57 30.45
CA GLN D 15 49.86 0.82 30.59
C GLN D 15 49.51 1.60 29.32
N LEU D 16 49.77 1.02 28.15
CA LEU D 16 49.44 1.68 26.90
C LEU D 16 47.93 1.82 26.69
N ASP D 17 47.21 0.71 26.87
CA ASP D 17 45.74 0.67 26.86
C ASP D 17 45.10 1.90 27.53
N ALA D 18 45.53 2.20 28.75
CA ALA D 18 44.91 3.22 29.59
C ALA D 18 45.18 4.66 29.15
N GLN D 19 46.33 4.89 28.50
CA GLN D 19 46.70 6.20 27.98
C GLN D 19 45.70 6.72 26.94
N ASP D 20 44.95 7.74 27.31
CA ASP D 20 43.85 8.21 26.48
C ASP D 20 44.26 9.24 25.43
N ASN D 21 45.51 9.70 25.44
CA ASN D 21 45.98 10.71 24.48
C ASN D 21 47.43 10.46 24.02
N LEU D 22 47.77 10.98 22.83
CA LEU D 22 49.08 10.79 22.22
C LEU D 22 50.24 11.15 23.16
N PHE D 23 50.23 12.36 23.72
CA PHE D 23 51.29 12.78 24.63
C PHE D 23 51.48 11.71 25.70
N SER D 24 50.43 11.43 26.45
CA SER D 24 50.50 10.43 27.48
C SER D 24 51.00 9.09 26.94
N PHE D 25 50.47 8.65 25.80
CA PHE D 25 50.83 7.37 25.31
C PHE D 25 52.37 7.36 25.07
N THR D 28 54.59 7.40 28.25
CA THR D 28 54.55 6.04 28.75
C THR D 28 55.26 5.04 27.80
N ALA D 29 55.28 5.33 26.51
CA ALA D 29 55.97 4.46 25.57
C ALA D 29 57.47 4.67 25.69
N HIS D 30 57.87 5.92 25.91
CA HIS D 30 59.28 6.22 26.16
C HIS D 30 59.74 5.52 27.43
N SER D 31 58.87 5.50 28.43
CA SER D 31 59.23 4.91 29.69
C SER D 31 59.46 3.39 29.55
N ILE D 32 58.50 2.70 28.96
CA ILE D 32 58.61 1.28 28.72
C ILE D 32 59.83 0.93 27.88
N LEU D 33 60.02 1.58 26.72
CA LEU D 33 61.23 1.37 25.90
C LEU D 33 62.56 1.56 26.61
N LEU D 34 62.68 2.61 27.41
CA LEU D 34 63.92 2.89 28.10
C LEU D 34 64.23 1.72 29.02
N GLN D 35 63.26 1.31 29.81
CA GLN D 35 63.45 0.20 30.72
C GLN D 35 63.84 -1.00 29.89
N GLY D 36 63.02 -1.30 28.90
CA GLY D 36 63.25 -2.44 28.02
C GLY D 36 64.64 -2.50 27.43
N ILE D 37 65.13 -1.36 26.97
CA ILE D 37 66.47 -1.29 26.47
C ILE D 37 67.49 -1.56 27.57
N ARG D 38 67.30 -0.99 28.75
CA ARG D 38 68.32 -1.14 29.75
C ARG D 38 68.27 -2.49 30.46
N GLN D 39 67.23 -3.26 30.21
CA GLN D 39 67.19 -4.65 30.63
C GLN D 39 67.95 -5.51 29.63
N PHE D 40 68.26 -4.91 28.48
CA PHE D 40 68.95 -5.61 27.40
C PHE D 40 70.44 -5.43 27.57
N LEU D 41 70.81 -4.19 27.89
CA LEU D 41 72.18 -3.76 28.08
C LEU D 41 73.16 -4.77 28.74
N PRO D 42 72.78 -5.41 29.88
CA PRO D 42 73.75 -6.38 30.46
C PRO D 42 74.16 -7.51 29.52
N SER D 43 73.33 -7.84 28.55
CA SER D 43 73.69 -8.86 27.56
C SER D 43 74.81 -8.41 26.60
N LEU D 44 75.22 -7.16 26.70
CA LEU D 44 76.29 -6.64 25.85
C LEU D 44 77.70 -6.99 26.35
N PHE D 45 77.81 -7.36 27.62
CA PHE D 45 79.09 -7.31 28.34
C PHE D 45 79.37 -8.67 28.96
N VAL D 46 80.61 -8.88 29.38
CA VAL D 46 80.96 -10.03 30.20
C VAL D 46 80.06 -10.11 31.44
N ASP D 47 79.65 -11.32 31.78
CA ASP D 47 78.76 -11.56 32.92
C ASP D 47 79.16 -12.74 33.81
N ASN D 48 80.25 -13.42 33.46
CA ASN D 48 80.74 -14.56 34.25
C ASN D 48 81.98 -14.25 35.12
N ASP D 49 82.73 -13.21 34.74
CA ASP D 49 83.85 -12.66 35.51
C ASP D 49 83.21 -11.71 36.53
N GLU D 50 83.27 -12.06 37.81
CA GLU D 50 82.61 -11.25 38.84
C GLU D 50 83.21 -9.87 39.07
N GLU D 51 84.52 -9.74 38.91
CA GLU D 51 85.17 -8.44 39.05
C GLU D 51 84.72 -7.49 37.95
N ILE D 52 84.67 -8.02 36.71
CA ILE D 52 84.23 -7.22 35.56
C ILE D 52 82.81 -6.74 35.76
N VAL D 53 82.00 -7.50 36.47
CA VAL D 53 80.62 -7.14 36.69
C VAL D 53 80.49 -6.06 37.75
N GLU D 54 81.04 -6.35 38.91
CA GLU D 54 81.07 -5.45 40.04
C GLU D 54 81.75 -4.13 39.67
N TYR D 55 82.91 -4.18 39.02
CA TYR D 55 83.66 -2.94 38.73
C TYR D 55 83.42 -2.24 37.37
N ALA D 56 83.21 -2.99 36.30
CA ALA D 56 82.92 -2.32 35.06
C ALA D 56 81.42 -2.27 34.81
N VAL D 57 80.72 -3.40 34.85
CA VAL D 57 79.30 -3.42 34.51
C VAL D 57 78.33 -2.66 35.47
N PRO D 59 78.79 0.06 37.60
CA PRO D 59 78.79 1.52 37.43
C PRO D 59 78.41 1.93 36.03
N LEU D 60 78.73 1.08 35.07
CA LEU D 60 78.34 1.38 33.71
C LEU D 60 76.81 1.47 33.54
N LEU D 61 76.07 0.66 34.31
CA LEU D 61 74.61 0.54 34.13
C LEU D 61 73.77 1.29 35.15
N ALA D 62 74.39 1.76 36.23
CA ALA D 62 73.68 2.48 37.27
C ALA D 62 73.00 3.79 36.78
N GLN D 63 72.01 4.27 37.53
CA GLN D 63 71.17 5.39 37.08
C GLN D 63 71.93 6.70 37.02
N SER D 64 71.54 7.55 36.06
CA SER D 64 72.35 8.68 35.60
C SER D 64 73.86 8.34 35.59
N GLY D 65 74.15 7.08 35.31
CA GLY D 65 75.45 6.71 34.80
C GLY D 65 75.46 7.11 33.34
N PRO D 66 76.49 6.69 32.60
CA PRO D 66 76.64 7.05 31.19
C PRO D 66 75.58 6.46 30.26
N LEU D 67 75.02 5.30 30.59
CA LEU D 67 74.07 4.64 29.69
C LEU D 67 72.59 4.78 30.03
N ASP D 68 72.23 5.72 30.91
CA ASP D 68 70.82 5.89 31.33
C ASP D 68 70.01 6.80 30.39
N ASP D 69 70.47 6.90 29.15
CA ASP D 69 69.84 7.73 28.15
C ASP D 69 69.58 6.82 26.98
N ILE D 70 68.33 6.80 26.52
CA ILE D 70 67.91 5.88 25.47
C ILE D 70 68.66 6.10 24.15
N ASP D 71 69.01 7.35 23.86
CA ASP D 71 69.71 7.67 22.63
C ASP D 71 71.13 7.17 22.73
N VAL D 72 71.79 7.38 23.87
CA VAL D 72 73.16 6.85 24.00
C VAL D 72 73.23 5.33 24.16
N ALA D 73 72.21 4.74 24.79
CA ALA D 73 72.12 3.28 24.88
C ALA D 73 71.83 2.69 23.50
N LEU D 74 70.88 3.28 22.80
CA LEU D 74 70.53 2.78 21.50
C LEU D 74 71.74 2.87 20.62
N ARG D 75 72.54 3.91 20.80
CA ARG D 75 73.71 4.13 19.96
C ARG D 75 74.78 3.07 20.21
N LEU D 76 74.99 2.74 21.49
CA LEU D 76 75.92 1.67 21.91
C LEU D 76 75.55 0.32 21.31
N ILE D 77 74.29 -0.08 21.48
CA ILE D 77 73.81 -1.39 21.00
C ILE D 77 74.04 -1.56 19.48
N TYR D 78 73.89 -0.46 18.74
CA TYR D 78 74.00 -0.43 17.27
C TYR D 78 75.47 -0.33 16.86
N ALA D 79 76.23 0.46 17.62
CA ALA D 79 77.67 0.62 17.37
C ALA D 79 78.40 -0.70 17.56
N LEU D 80 77.93 -1.51 18.51
CA LEU D 80 78.47 -2.84 18.77
C LEU D 80 78.06 -3.95 17.80
N GLY D 81 77.37 -3.60 16.72
CA GLY D 81 76.86 -4.61 15.77
C GLY D 81 75.74 -5.48 16.30
N ASP D 84 69.65 -4.58 14.50
CA ASP D 84 69.28 -4.36 13.10
C ASP D 84 68.92 -2.91 12.77
N LYS D 85 69.30 -2.46 11.58
CA LYS D 85 68.90 -1.13 11.09
C LYS D 85 67.42 -0.79 11.33
N TRP D 86 66.54 -1.75 11.07
CA TRP D 86 65.12 -1.46 11.07
C TRP D 86 64.60 -1.29 12.50
N LEU D 87 65.21 -2.02 13.44
CA LEU D 87 64.80 -1.94 14.82
C LEU D 87 65.33 -0.64 15.37
N TYR D 88 66.49 -0.26 14.84
CA TYR D 88 67.24 0.89 15.33
C TYR D 88 66.48 2.12 14.88
N ALA D 89 66.06 2.08 13.62
CA ALA D 89 65.23 3.15 13.08
C ALA D 89 63.92 3.32 13.93
N ASP D 90 63.23 2.21 14.25
CA ASP D 90 61.97 2.26 14.98
C ASP D 90 62.15 2.86 16.37
N ILE D 91 63.14 2.40 17.12
CA ILE D 91 63.32 2.96 18.45
C ILE D 91 63.76 4.41 18.41
N THR D 92 64.66 4.79 17.50
CA THR D 92 65.08 6.20 17.41
C THR D 92 63.95 7.14 16.97
N HIS D 93 63.17 6.76 15.95
CA HIS D 93 61.98 7.52 15.60
C HIS D 93 60.99 7.64 16.77
N PHE D 94 60.77 6.57 17.53
CA PHE D 94 60.01 6.74 18.79
C PHE D 94 60.65 7.76 19.74
N SER D 95 61.97 7.87 19.75
CA SER D 95 62.61 8.83 20.64
C SER D 95 62.46 10.30 20.15
N GLN D 96 62.68 10.54 18.86
CA GLN D 96 62.59 11.88 18.31
C GLN D 96 61.21 12.44 18.56
N TYR D 97 60.22 11.61 18.28
CA TYR D 97 58.86 12.04 18.40
C TYR D 97 58.48 12.30 19.86
N TRP D 98 59.03 11.49 20.77
CA TRP D 98 58.83 11.81 22.18
C TRP D 98 59.45 13.17 22.52
N HIS D 99 60.67 13.40 22.02
CA HIS D 99 61.42 14.66 22.23
C HIS D 99 60.62 15.84 21.70
N TYR D 100 60.12 15.69 20.47
CA TYR D 100 59.32 16.73 19.85
C TYR D 100 58.07 17.04 20.66
N LEU D 101 57.42 16.02 21.17
CA LEU D 101 56.19 16.23 21.86
C LEU D 101 56.51 16.91 23.15
N ASN D 102 57.60 16.46 23.78
CA ASN D 102 57.89 16.96 25.11
C ASN D 102 58.69 18.26 25.15
N GLU D 103 59.36 18.61 24.05
CA GLU D 103 60.19 19.81 23.98
C GLU D 103 59.61 20.94 23.10
N GLN D 104 58.77 20.59 22.12
CA GLN D 104 58.20 21.57 21.18
C GLN D 104 56.73 21.77 21.28
N ASP D 105 55.97 20.67 21.27
CA ASP D 105 54.51 20.71 21.08
C ASP D 105 53.83 19.42 21.55
N GLU D 106 53.16 19.47 22.71
CA GLU D 106 52.38 18.31 23.24
C GLU D 106 51.02 18.09 22.56
N THR D 107 50.59 19.05 21.74
CA THR D 107 49.22 19.04 21.26
C THR D 107 48.84 18.05 20.14
N PRO D 108 49.79 17.53 19.34
CA PRO D 108 49.31 16.56 18.33
C PRO D 108 48.54 15.36 18.88
N GLY D 109 47.48 14.95 18.20
CA GLY D 109 46.68 13.82 18.63
C GLY D 109 47.04 12.52 17.93
N PHE D 110 46.28 11.46 18.18
CA PHE D 110 46.53 10.22 17.50
C PHE D 110 46.19 10.38 16.03
N ALA D 111 45.28 11.31 15.74
CA ALA D 111 44.70 11.47 14.42
C ALA D 111 45.28 12.58 13.52
N ASP D 112 46.33 13.25 13.97
CA ASP D 112 46.86 14.38 13.22
C ASP D 112 47.82 13.97 12.10
N ASP D 113 48.02 14.83 11.12
CA ASP D 113 48.85 14.47 9.98
C ASP D 113 50.29 14.17 10.42
N ILE D 114 50.73 14.91 11.41
CA ILE D 114 52.05 14.73 11.93
C ILE D 114 52.21 13.32 12.52
N THR D 115 51.24 12.80 13.28
CA THR D 115 51.46 11.45 13.78
C THR D 115 51.20 10.34 12.73
N TRP D 116 50.56 10.71 11.61
CA TRP D 116 50.41 9.84 10.45
C TRP D 116 51.74 9.62 9.69
N ASP D 117 52.43 10.73 9.46
CA ASP D 117 53.76 10.72 8.87
C ASP D 117 54.74 9.98 9.77
N PHE D 118 54.46 9.97 11.07
CA PHE D 118 55.26 9.22 12.04
C PHE D 118 54.97 7.74 11.91
N ILE D 119 53.72 7.31 12.09
CA ILE D 119 53.53 5.86 12.10
C ILE D 119 53.82 5.29 10.74
N SER D 120 53.63 6.06 9.69
CA SER D 120 53.85 5.53 8.33
C SER D 120 55.33 5.29 8.06
N ASN D 121 56.15 5.60 9.07
CA ASN D 121 57.58 5.53 8.94
C ASN D 121 58.15 4.55 10.00
N VAL D 122 57.28 4.00 10.86
CA VAL D 122 57.65 2.89 11.76
C VAL D 122 57.55 1.52 11.05
N ASN D 123 58.66 0.80 10.97
CA ASN D 123 58.74 -0.50 10.32
C ASN D 123 57.81 -1.58 10.86
N SER D 124 57.71 -1.71 12.17
CA SER D 124 56.89 -2.79 12.69
C SER D 124 55.43 -2.53 12.36
N ILE D 125 55.07 -1.26 12.20
CA ILE D 125 53.72 -0.91 11.76
C ILE D 125 53.61 -1.11 10.27
N THR D 126 54.49 -0.44 9.53
CA THR D 126 54.58 -0.60 8.07
C THR D 126 54.61 -2.02 7.51
N ARG D 127 55.42 -2.92 8.08
CA ARG D 127 55.64 -4.25 7.50
C ARG D 127 54.44 -5.19 7.72
N ASN D 128 53.47 -4.74 8.51
CA ASN D 128 52.31 -5.57 8.85
C ASN D 128 51.21 -5.32 7.84
N ALA D 129 51.26 -6.07 6.74
CA ALA D 129 50.30 -5.97 5.67
C ALA D 129 48.97 -5.39 6.14
N THR D 130 48.27 -6.15 6.98
CA THR D 130 46.83 -5.97 7.22
C THR D 130 46.52 -4.79 8.11
N LEU D 131 47.30 -4.65 9.17
CA LEU D 131 47.27 -3.49 10.05
C LEU D 131 47.26 -2.20 9.22
N TYR D 132 48.22 -2.08 8.31
CA TYR D 132 48.44 -0.84 7.58
C TYR D 132 47.32 -0.49 6.57
N ASP D 133 46.85 -1.48 5.81
CA ASP D 133 45.78 -1.26 4.81
C ASP D 133 44.55 -0.74 5.51
N ALA D 134 44.33 -1.28 6.71
CA ALA D 134 43.21 -0.91 7.57
C ALA D 134 43.34 0.56 7.98
N LEU D 135 44.53 0.93 8.42
CA LEU D 135 44.83 2.30 8.79
C LEU D 135 44.59 3.24 7.61
N LYS D 136 45.15 2.88 6.46
CA LYS D 136 44.98 3.65 5.24
C LYS D 136 43.51 3.79 4.91
N ALA D 137 42.83 2.65 4.78
CA ALA D 137 41.41 2.65 4.45
C ALA D 137 40.69 3.66 5.32
N PHE D 140 41.84 7.67 4.79
CA PHE D 140 41.47 8.44 3.61
C PHE D 140 39.99 8.32 3.18
N ALA D 141 39.18 7.73 4.07
CA ALA D 141 37.72 7.73 3.96
C ALA D 141 37.17 9.16 3.95
N GLU D 148 36.63 9.54 13.42
CA GLU D 148 37.81 10.04 14.14
C GLU D 148 38.01 9.37 15.51
N ALA D 149 36.92 9.10 16.21
CA ALA D 149 36.98 8.27 17.39
C ALA D 149 37.66 6.96 16.97
N ARG D 150 37.05 6.30 15.99
CA ARG D 150 37.43 4.95 15.56
C ARG D 150 38.85 4.97 15.01
N PHE D 151 39.17 5.96 14.18
CA PHE D 151 40.52 6.12 13.65
C PHE D 151 41.61 6.29 14.70
N SER D 152 41.38 7.18 15.67
CA SER D 152 42.36 7.37 16.74
C SER D 152 42.64 6.05 17.45
N GLY D 153 41.57 5.28 17.71
CA GLY D 153 41.69 3.97 18.34
C GLY D 153 42.57 3.01 17.56
N VAL D 155 45.14 4.11 15.45
CA VAL D 155 46.48 4.63 15.66
C VAL D 155 47.04 4.08 16.98
N LYS D 156 46.33 4.32 18.09
CA LYS D 156 46.66 3.68 19.36
C LYS D 156 47.08 2.22 19.21
N THR D 157 46.26 1.39 18.58
CA THR D 157 46.53 -0.05 18.53
C THR D 157 47.84 -0.31 17.78
N ALA D 158 47.92 0.24 16.58
CA ALA D 158 49.13 0.25 15.77
C ALA D 158 50.38 0.68 16.55
N LEU D 159 50.33 1.83 17.21
CA LEU D 159 51.41 2.29 18.09
C LEU D 159 51.76 1.26 19.18
N THR D 160 50.74 0.66 19.77
CA THR D 160 50.90 -0.34 20.83
C THR D 160 51.55 -1.60 20.26
N LEU D 161 51.11 -2.00 19.08
CA LEU D 161 51.71 -3.10 18.32
C LEU D 161 53.20 -2.84 18.06
N ALA D 162 53.55 -1.60 17.71
CA ALA D 162 54.98 -1.27 17.46
C ALA D 162 55.82 -1.58 18.68
N VAL D 163 55.45 -1.00 19.82
CA VAL D 163 56.24 -1.15 21.06
C VAL D 163 56.26 -2.60 21.58
N THR D 164 55.09 -3.21 21.71
CA THR D 164 54.98 -4.65 21.94
C THR D 164 56.03 -5.43 21.16
N THR D 165 56.06 -5.25 19.84
CA THR D 165 56.97 -6.06 19.03
C THR D 165 58.44 -5.63 19.14
N THR D 166 58.70 -4.34 19.15
CA THR D 166 60.03 -3.79 19.46
C THR D 166 60.62 -4.44 20.71
N LEU D 167 59.83 -4.42 21.78
CA LEU D 167 60.23 -4.91 23.06
C LEU D 167 60.55 -6.39 22.99
N LYS D 168 59.75 -7.11 22.20
CA LYS D 168 59.86 -8.54 21.98
C LYS D 168 61.17 -8.86 21.28
N GLU D 169 61.55 -8.04 20.30
CA GLU D 169 62.77 -8.27 19.53
C GLU D 169 64.05 -8.02 20.35
N LEU D 170 63.95 -7.34 21.46
CA LEU D 170 65.12 -7.18 22.30
C LEU D 170 65.55 -8.50 22.93
N THR D 171 64.67 -9.22 23.59
CA THR D 171 65.03 -10.66 23.91
C THR D 171 63.84 -11.54 24.27
#